data_8FJV
#
_entry.id   8FJV
#
_cell.length_a   74.943
_cell.length_b   74.943
_cell.length_c   101.015
_cell.angle_alpha   90.00
_cell.angle_beta   90.00
_cell.angle_gamma   120.00
#
_symmetry.space_group_name_H-M   'P 32 2 1'
#
loop_
_entity.id
_entity.type
_entity.pdbx_description
1 polymer 'Trifunctional purine biosynthetic protein adenosine-3'
2 non-polymer 'GLYCINAMIDE RIBONUCLEOTIDE'
3 non-polymer 'N-{4-[4-(2-amino-4-oxo-3,4-dihydro-5H-pyrrolo[3,2-d]pyrimidin-5-yl)butyl]-3-fluorothiophene-2-carbonyl}-L-glutamic acid'
4 water water
#
_entity_poly.entity_id   1
_entity_poly.type   'polypeptide(L)'
_entity_poly.pdbx_seq_one_letter_code
;MARVAVLISGTGSNLQALIDSTREPNSSAQIDIVISNKAAVAGLDKAERAGIPTRVINHKLYKNRVEFDSAIDLVLEEFS
IDIVCLAGFMRILSGPFVQKWNGKMLNIHPSLLPSFKGSNAHEQALETGVTVTGCTVHFVAEDVDAGQIILQEAVPVKRG
DTVATLSERVKLAEHKIFPAALQLVASGTVQLGENGKICWVKEEHHHHHH
;
_entity_poly.pdbx_strand_id   A
#
# COMPACT_ATOMS: atom_id res chain seq x y z
N ALA A 2 14.13 -6.50 6.54
CA ALA A 2 13.80 -5.09 6.42
C ALA A 2 12.77 -4.75 7.48
N ARG A 3 12.93 -3.55 8.04
CA ARG A 3 11.97 -2.99 8.97
C ARG A 3 10.92 -2.22 8.17
N VAL A 4 9.64 -2.52 8.41
CA VAL A 4 8.53 -2.07 7.58
C VAL A 4 7.48 -1.33 8.42
N ALA A 5 7.00 -0.22 7.88
CA ALA A 5 5.81 0.46 8.39
C ALA A 5 4.65 0.23 7.43
N VAL A 6 3.45 0.13 7.99
CA VAL A 6 2.23 -0.05 7.22
C VAL A 6 1.27 1.07 7.59
N LEU A 7 0.92 1.90 6.60
CA LEU A 7 0.00 3.01 6.78
C LEU A 7 -1.38 2.60 6.26
N ILE A 8 -2.38 2.70 7.14
CA ILE A 8 -3.75 2.28 6.83
C ILE A 8 -4.67 3.47 7.02
N SER A 9 -5.90 3.29 6.56
CA SER A 9 -6.99 4.22 6.84
C SER A 9 -8.28 3.55 7.27
N GLY A 10 -8.49 2.28 6.94
CA GLY A 10 -9.74 1.61 7.26
C GLY A 10 -9.62 0.19 7.78
N THR A 11 -10.09 -0.77 6.97
CA THR A 11 -10.24 -2.16 7.42
C THR A 11 -8.90 -2.80 7.78
N GLY A 12 -7.92 -2.72 6.89
CA GLY A 12 -6.68 -3.44 7.09
C GLY A 12 -6.73 -4.91 6.74
N SER A 13 -7.48 -5.30 5.72
CA SER A 13 -7.40 -6.68 5.25
C SER A 13 -6.13 -6.91 4.47
N ASN A 14 -5.64 -5.86 3.79
CA ASN A 14 -4.30 -5.93 3.24
C ASN A 14 -3.25 -6.02 4.34
N LEU A 15 -3.36 -5.15 5.35
CA LEU A 15 -2.46 -5.22 6.50
C LEU A 15 -2.42 -6.63 7.08
N GLN A 16 -3.60 -7.24 7.27
CA GLN A 16 -3.65 -8.60 7.78
C GLN A 16 -2.94 -9.56 6.85
N ALA A 17 -3.21 -9.43 5.54
CA ALA A 17 -2.54 -10.29 4.59
C ALA A 17 -1.01 -10.17 4.71
N LEU A 18 -0.51 -8.92 4.87
CA LEU A 18 0.92 -8.68 5.02
C LEU A 18 1.43 -9.22 6.36
N ILE A 19 0.68 -9.01 7.43
CA ILE A 19 1.04 -9.59 8.72
C ILE A 19 1.26 -11.08 8.58
N ASP A 20 0.28 -11.78 7.99
CA ASP A 20 0.39 -13.21 7.83
C ASP A 20 1.66 -13.61 7.11
N SER A 21 2.02 -12.91 6.04
CA SER A 21 3.18 -13.34 5.25
C SER A 21 4.49 -13.04 6.00
N THR A 22 4.60 -11.87 6.64
CA THR A 22 5.86 -11.56 7.28
C THR A 22 6.08 -12.44 8.52
N ARG A 23 5.03 -13.04 9.06
CA ARG A 23 5.23 -14.00 10.14
C ARG A 23 5.84 -15.30 9.64
N GLU A 24 5.94 -15.50 8.32
CA GLU A 24 6.48 -16.74 7.79
C GLU A 24 8.00 -16.77 7.98
N PRO A 25 8.55 -17.91 8.37
CA PRO A 25 9.98 -17.99 8.70
C PRO A 25 10.91 -17.42 7.63
N ASN A 26 10.59 -17.55 6.35
CA ASN A 26 11.47 -17.05 5.28
C ASN A 26 11.17 -15.61 4.89
N SER A 27 10.25 -14.93 5.59
CA SER A 27 10.04 -13.50 5.35
C SER A 27 11.32 -12.72 5.50
N SER A 28 11.63 -11.92 4.47
CA SER A 28 12.67 -10.90 4.56
C SER A 28 12.15 -9.62 5.20
N ALA A 29 10.90 -9.60 5.64
CA ALA A 29 10.23 -8.40 6.05
C ALA A 29 9.77 -8.54 7.48
N GLN A 30 9.61 -7.39 8.13
CA GLN A 30 9.31 -7.31 9.55
C GLN A 30 8.43 -6.09 9.74
N ILE A 31 7.23 -6.27 10.28
CA ILE A 31 6.28 -5.16 10.41
C ILE A 31 6.44 -4.61 11.81
N ASP A 32 7.07 -3.44 11.91
CA ASP A 32 7.51 -2.89 13.19
C ASP A 32 6.62 -1.77 13.71
N ILE A 33 5.74 -1.23 12.87
CA ILE A 33 4.88 -0.12 13.24
C ILE A 33 3.73 -0.06 12.25
N VAL A 34 2.53 0.17 12.78
CA VAL A 34 1.33 0.41 11.99
C VAL A 34 0.81 1.80 12.33
N ILE A 35 0.71 2.67 11.32
CA ILE A 35 0.28 4.06 11.48
C ILE A 35 -1.01 4.28 10.69
N SER A 36 -1.98 4.96 11.33
CA SER A 36 -3.28 5.23 10.75
C SER A 36 -3.69 6.68 10.97
N ASN A 37 -4.24 7.30 9.94
CA ASN A 37 -4.67 8.69 10.01
C ASN A 37 -6.05 8.84 10.62
N LYS A 38 -6.81 7.75 10.71
CA LYS A 38 -8.15 7.74 11.30
C LYS A 38 -8.16 6.75 12.45
N ALA A 39 -8.41 7.26 13.66
CA ALA A 39 -8.52 6.41 14.83
C ALA A 39 -9.78 5.55 14.75
N ALA A 40 -9.83 4.54 15.61
CA ALA A 40 -10.98 3.66 15.69
C ALA A 40 -11.36 3.10 14.31
N VAL A 41 -10.35 2.57 13.61
CA VAL A 41 -10.58 1.79 12.40
C VAL A 41 -10.01 0.40 12.61
N ALA A 42 -10.61 -0.58 11.92
CA ALA A 42 -10.35 -1.99 12.18
C ALA A 42 -8.88 -2.40 11.97
N GLY A 43 -8.18 -1.74 11.04
CA GLY A 43 -6.75 -1.99 10.91
C GLY A 43 -6.00 -1.86 12.22
N LEU A 44 -6.39 -0.90 13.06
CA LEU A 44 -5.71 -0.76 14.35
C LEU A 44 -5.94 -1.96 15.24
N ASP A 45 -7.02 -2.71 15.04
CA ASP A 45 -7.27 -3.90 15.84
C ASP A 45 -6.41 -5.07 15.38
N LYS A 46 -6.49 -5.41 14.10
CA LYS A 46 -5.69 -6.49 13.57
C LYS A 46 -4.23 -6.29 13.94
N ALA A 47 -3.79 -5.03 13.95
CA ALA A 47 -2.42 -4.72 14.37
C ALA A 47 -2.21 -5.02 15.84
N GLU A 48 -3.06 -4.45 16.71
CA GLU A 48 -2.96 -4.75 18.13
C GLU A 48 -3.15 -6.25 18.38
N ARG A 49 -4.08 -6.88 17.68
CA ARG A 49 -4.28 -8.32 17.86
C ARG A 49 -3.04 -9.11 17.46
N ALA A 50 -2.16 -8.53 16.64
CA ALA A 50 -0.93 -9.16 16.22
C ALA A 50 0.26 -8.69 17.04
N GLY A 51 0.03 -7.87 18.06
CA GLY A 51 1.12 -7.40 18.89
C GLY A 51 2.03 -6.39 18.22
N ILE A 52 1.51 -5.62 17.28
CA ILE A 52 2.30 -4.64 16.53
C ILE A 52 1.97 -3.27 17.08
N PRO A 53 2.99 -2.43 17.38
CA PRO A 53 2.70 -1.05 17.82
C PRO A 53 1.86 -0.30 16.79
N THR A 54 0.92 0.49 17.31
CA THR A 54 0.05 1.33 16.50
C THR A 54 0.24 2.79 16.91
N ARG A 55 0.15 3.68 15.93
CA ARG A 55 0.26 5.12 16.14
C ARG A 55 -0.76 5.80 15.24
N VAL A 56 -1.57 6.69 15.82
CA VAL A 56 -2.58 7.43 15.07
C VAL A 56 -2.08 8.86 14.89
N ILE A 57 -1.93 9.27 13.64
CA ILE A 57 -1.54 10.63 13.32
C ILE A 57 -2.70 11.21 12.53
N ASN A 58 -3.23 12.34 13.00
CA ASN A 58 -4.46 12.90 12.48
C ASN A 58 -4.13 14.00 11.48
N HIS A 59 -4.39 13.72 10.19
CA HIS A 59 -4.17 14.73 9.17
C HIS A 59 -5.02 15.96 9.39
N LYS A 60 -6.17 15.79 10.05
CA LYS A 60 -7.08 16.90 10.31
C LYS A 60 -6.61 17.83 11.42
N LEU A 61 -5.45 17.58 12.04
CA LEU A 61 -4.95 18.38 13.16
C LEU A 61 -3.69 19.15 12.80
N TYR A 62 -3.26 19.10 11.55
CA TYR A 62 -2.04 19.75 11.10
C TYR A 62 -2.38 20.87 10.12
N LYS A 63 -1.73 22.01 10.28
CA LYS A 63 -2.04 23.11 9.38
C LYS A 63 -1.59 22.80 7.96
N ASN A 64 -0.43 22.18 7.82
CA ASN A 64 0.12 21.89 6.50
C ASN A 64 0.08 20.40 6.22
N ARG A 65 -0.04 20.06 4.94
CA ARG A 65 0.15 18.67 4.54
C ARG A 65 1.57 18.20 4.87
N VAL A 66 2.56 19.11 4.76
CA VAL A 66 3.95 18.75 5.02
C VAL A 66 4.20 18.62 6.52
N GLU A 67 3.61 19.49 7.33
CA GLU A 67 3.63 19.27 8.78
C GLU A 67 3.09 17.89 9.12
N PHE A 68 2.06 17.43 8.39
CA PHE A 68 1.47 16.14 8.65
C PHE A 68 2.38 14.99 8.22
N ASP A 69 2.98 15.09 7.05
CA ASP A 69 3.92 14.06 6.63
C ASP A 69 5.08 13.95 7.62
N SER A 70 5.60 15.11 8.06
CA SER A 70 6.69 15.13 9.04
C SER A 70 6.32 14.39 10.32
N ALA A 71 5.08 14.51 10.77
CA ALA A 71 4.63 13.73 11.90
C ALA A 71 4.92 12.26 11.66
N ILE A 72 4.64 11.79 10.44
CA ILE A 72 4.81 10.38 10.10
C ILE A 72 6.30 10.03 10.02
N ASP A 73 7.08 10.87 9.34
CA ASP A 73 8.52 10.60 9.20
C ASP A 73 9.22 10.48 10.55
N LEU A 74 8.84 11.33 11.51
CA LEU A 74 9.36 11.18 12.85
C LEU A 74 9.16 9.75 13.37
N VAL A 75 7.96 9.20 13.17
CA VAL A 75 7.71 7.84 13.64
C VAL A 75 8.49 6.84 12.81
N LEU A 76 8.51 7.02 11.48
CA LEU A 76 9.30 6.15 10.63
C LEU A 76 10.75 6.11 11.09
N GLU A 77 11.32 7.27 11.43
CA GLU A 77 12.69 7.31 11.92
C GLU A 77 12.77 6.76 13.33
N GLU A 78 11.77 7.05 14.17
CA GLU A 78 11.76 6.48 15.52
C GLU A 78 11.85 4.96 15.47
N PHE A 79 11.09 4.32 14.59
CA PHE A 79 11.10 2.87 14.48
C PHE A 79 12.13 2.34 13.48
N SER A 80 13.03 3.20 13.00
CA SER A 80 14.11 2.79 12.11
C SER A 80 13.60 2.00 10.91
N ILE A 81 12.51 2.49 10.32
CA ILE A 81 11.84 1.78 9.23
C ILE A 81 12.68 1.85 7.96
N ASP A 82 12.65 0.77 7.20
CA ASP A 82 13.32 0.69 5.89
C ASP A 82 12.36 0.78 4.73
N ILE A 83 11.13 0.30 4.89
CA ILE A 83 10.16 0.17 3.81
C ILE A 83 8.80 0.59 4.35
N VAL A 84 8.07 1.36 3.53
CA VAL A 84 6.73 1.84 3.85
C VAL A 84 5.75 1.19 2.89
N CYS A 85 4.75 0.49 3.45
CA CYS A 85 3.64 -0.08 2.70
C CYS A 85 2.37 0.74 2.96
N LEU A 86 1.83 1.32 1.89
CA LEU A 86 0.52 1.96 1.94
C LEU A 86 -0.54 0.89 1.68
N ALA A 87 -1.36 0.62 2.70
CA ALA A 87 -2.40 -0.41 2.66
C ALA A 87 -3.73 0.27 2.99
N GLY A 88 -4.35 0.85 1.97
CA GLY A 88 -5.60 1.55 2.18
C GLY A 88 -5.42 2.91 2.80
N PHE A 89 -4.36 3.61 2.45
CA PHE A 89 -4.04 4.91 3.01
C PHE A 89 -4.57 5.99 2.07
N MET A 90 -5.50 6.82 2.55
CA MET A 90 -6.24 7.75 1.72
C MET A 90 -5.80 9.20 1.94
N ARG A 91 -4.51 9.45 2.04
CA ARG A 91 -3.98 10.80 2.13
C ARG A 91 -2.82 10.94 1.15
N ILE A 92 -2.86 11.97 0.33
CA ILE A 92 -1.79 12.19 -0.64
C ILE A 92 -0.59 12.79 0.07
N LEU A 93 0.58 12.23 -0.18
CA LEU A 93 1.78 12.67 0.50
C LEU A 93 2.46 13.77 -0.29
N SER A 94 3.13 14.67 0.44
CA SER A 94 3.80 15.80 -0.17
C SER A 94 5.07 15.37 -0.91
N GLY A 95 5.53 16.25 -1.79
CA GLY A 95 6.61 15.94 -2.69
C GLY A 95 7.87 15.50 -1.99
N PRO A 96 8.35 16.29 -1.03
CA PRO A 96 9.58 15.88 -0.33
C PRO A 96 9.44 14.53 0.35
N PHE A 97 8.32 14.25 1.01
CA PHE A 97 8.17 12.95 1.65
C PHE A 97 8.24 11.84 0.61
N VAL A 98 7.53 12.00 -0.49
CA VAL A 98 7.59 10.99 -1.55
C VAL A 98 8.99 10.88 -2.11
N GLN A 99 9.68 12.02 -2.23
CA GLN A 99 11.05 11.99 -2.71
C GLN A 99 11.94 11.27 -1.71
N LYS A 100 11.75 11.53 -0.41
CA LYS A 100 12.59 10.91 0.61
C LYS A 100 12.50 9.39 0.54
N TRP A 101 11.29 8.86 0.46
CA TRP A 101 11.08 7.43 0.43
C TRP A 101 11.02 6.87 -0.98
N ASN A 102 11.45 7.64 -1.97
CA ASN A 102 11.48 7.12 -3.33
C ASN A 102 12.17 5.77 -3.36
N GLY A 103 11.52 4.80 -3.99
CA GLY A 103 12.08 3.47 -4.05
C GLY A 103 12.02 2.71 -2.76
N LYS A 104 11.44 3.28 -1.71
CA LYS A 104 11.27 2.57 -0.45
C LYS A 104 9.80 2.51 0.00
N MET A 105 8.87 2.95 -0.86
CA MET A 105 7.47 3.06 -0.48
C MET A 105 6.62 2.37 -1.53
N LEU A 106 5.82 1.41 -1.09
CA LEU A 106 4.93 0.60 -1.94
C LEU A 106 3.47 0.96 -1.71
N ASN A 107 2.68 0.84 -2.78
CA ASN A 107 1.24 1.07 -2.74
C ASN A 107 0.50 -0.05 -3.46
N ILE A 108 -0.68 -0.38 -2.94
CA ILE A 108 -1.62 -1.32 -3.59
C ILE A 108 -2.79 -0.51 -4.15
N HIS A 109 -3.06 -0.67 -5.44
CA HIS A 109 -4.11 0.06 -6.12
C HIS A 109 -4.97 -0.97 -6.84
N PRO A 110 -6.32 -0.88 -6.77
CA PRO A 110 -7.20 -1.95 -7.28
C PRO A 110 -7.60 -1.71 -8.74
N SER A 111 -6.59 -1.66 -9.61
CA SER A 111 -6.80 -1.65 -11.04
C SER A 111 -5.53 -2.15 -11.69
N LEU A 112 -5.63 -2.50 -12.96
CA LEU A 112 -4.44 -2.77 -13.77
C LEU A 112 -3.96 -1.44 -14.32
N LEU A 113 -3.07 -0.79 -13.59
CA LEU A 113 -2.59 0.51 -14.05
C LEU A 113 -1.91 0.35 -15.41
N PRO A 114 -1.92 1.39 -16.24
CA PRO A 114 -2.33 2.77 -15.98
C PRO A 114 -3.82 3.05 -16.01
N SER A 115 -4.63 2.00 -16.11
CA SER A 115 -6.08 2.16 -16.16
C SER A 115 -6.63 2.57 -14.81
N PHE A 116 -7.61 3.47 -14.83
CA PHE A 116 -8.41 3.73 -13.65
C PHE A 116 -7.53 4.15 -12.49
N LYS A 117 -6.70 5.15 -12.75
CA LYS A 117 -6.02 5.85 -11.69
C LYS A 117 -7.04 6.56 -10.82
N GLY A 118 -6.78 6.64 -9.55
CA GLY A 118 -7.60 7.43 -8.68
C GLY A 118 -8.38 6.57 -7.70
N SER A 119 -9.33 7.21 -7.05
CA SER A 119 -9.88 6.69 -5.81
C SER A 119 -11.04 5.73 -6.02
N ASN A 120 -11.76 5.87 -7.13
CA ASN A 120 -12.93 5.03 -7.33
C ASN A 120 -12.70 4.06 -8.48
N ALA A 121 -11.58 3.34 -8.44
CA ALA A 121 -11.16 2.51 -9.57
C ALA A 121 -12.25 1.53 -9.99
N HIS A 122 -12.89 0.87 -9.02
CA HIS A 122 -13.93 -0.09 -9.34
C HIS A 122 -15.13 0.57 -10.01
N GLU A 123 -15.56 1.71 -9.48
CA GLU A 123 -16.59 2.49 -10.16
C GLU A 123 -16.17 2.75 -11.60
N GLN A 124 -14.96 3.27 -11.80
CA GLN A 124 -14.48 3.55 -13.15
C GLN A 124 -14.53 2.32 -14.03
N ALA A 125 -13.96 1.21 -13.55
CA ALA A 125 -13.94 0.00 -14.34
C ALA A 125 -15.34 -0.42 -14.77
N LEU A 126 -16.31 -0.33 -13.86
CA LEU A 126 -17.67 -0.79 -14.17
C LEU A 126 -18.35 0.12 -15.18
N GLU A 127 -18.17 1.44 -15.07
CA GLU A 127 -18.76 2.35 -16.05
C GLU A 127 -18.16 2.12 -17.43
N THR A 128 -16.83 1.94 -17.48
CA THR A 128 -16.15 1.68 -18.75
C THR A 128 -16.59 0.36 -19.37
N GLY A 129 -16.77 -0.67 -18.56
CA GLY A 129 -17.25 -1.93 -19.08
C GLY A 129 -16.19 -2.93 -19.40
N VAL A 130 -15.01 -2.82 -18.80
CA VAL A 130 -14.04 -3.86 -19.02
C VAL A 130 -14.60 -5.17 -18.49
N THR A 131 -14.08 -6.26 -19.02
CA THR A 131 -14.35 -7.58 -18.50
C THR A 131 -13.18 -8.12 -17.70
N VAL A 132 -12.02 -7.45 -17.77
CA VAL A 132 -10.83 -7.82 -17.02
C VAL A 132 -10.35 -6.57 -16.27
N THR A 133 -10.17 -6.69 -14.97
CA THR A 133 -9.53 -5.64 -14.17
C THR A 133 -8.47 -6.34 -13.32
N GLY A 134 -8.10 -5.74 -12.19
CA GLY A 134 -7.12 -6.37 -11.33
C GLY A 134 -6.56 -5.37 -10.32
N CYS A 135 -5.42 -5.73 -9.73
CA CYS A 135 -4.74 -4.82 -8.82
C CYS A 135 -3.27 -4.72 -9.20
N THR A 136 -2.64 -3.68 -8.67
CA THR A 136 -1.26 -3.30 -8.96
C THR A 136 -0.54 -2.92 -7.67
N VAL A 137 0.64 -3.49 -7.45
CA VAL A 137 1.59 -2.99 -6.47
C VAL A 137 2.65 -2.21 -7.23
N HIS A 138 2.91 -0.98 -6.80
CA HIS A 138 3.86 -0.11 -7.48
C HIS A 138 4.66 0.69 -6.46
N PHE A 139 5.73 1.33 -6.93
CA PHE A 139 6.41 2.32 -6.09
C PHE A 139 5.68 3.64 -6.16
N VAL A 140 5.51 4.28 -5.00
CA VAL A 140 4.94 5.62 -4.95
C VAL A 140 5.90 6.63 -5.59
N ALA A 141 5.40 7.36 -6.58
CA ALA A 141 6.11 8.46 -7.21
C ALA A 141 5.26 9.73 -7.06
N GLU A 142 5.85 10.88 -7.39
CA GLU A 142 5.13 12.14 -7.19
C GLU A 142 3.85 12.21 -8.03
N ASP A 143 3.81 11.55 -9.19
CA ASP A 143 2.56 11.39 -9.94
C ASP A 143 1.73 10.29 -9.29
N VAL A 144 0.55 10.65 -8.77
CA VAL A 144 -0.30 9.68 -8.07
C VAL A 144 -0.65 8.53 -9.01
N ASP A 145 -0.44 7.30 -8.53
CA ASP A 145 -0.58 6.05 -9.27
C ASP A 145 0.29 5.99 -10.53
N ALA A 146 1.24 6.91 -10.69
CA ALA A 146 2.15 6.90 -11.84
C ALA A 146 3.58 6.60 -11.40
N GLY A 147 3.74 5.56 -10.58
CA GLY A 147 5.03 5.03 -10.21
C GLY A 147 5.31 3.66 -10.85
N GLN A 148 6.52 3.18 -10.59
CA GLN A 148 7.01 1.97 -11.24
C GLN A 148 6.33 0.72 -10.66
N ILE A 149 5.82 -0.13 -11.56
CA ILE A 149 4.98 -1.27 -11.21
C ILE A 149 5.88 -2.42 -10.76
N ILE A 150 5.46 -3.14 -9.72
CA ILE A 150 6.24 -4.24 -9.20
C ILE A 150 5.54 -5.55 -9.57
N LEU A 151 4.28 -5.69 -9.16
CA LEU A 151 3.43 -6.83 -9.48
C LEU A 151 2.05 -6.39 -9.96
N GLN A 152 1.40 -7.26 -10.72
CA GLN A 152 0.03 -7.06 -11.16
C GLN A 152 -0.66 -8.42 -11.22
N GLU A 153 -1.95 -8.44 -10.88
CA GLU A 153 -2.77 -9.64 -11.08
C GLU A 153 -4.11 -9.26 -11.70
N ALA A 154 -4.47 -9.94 -12.78
CA ALA A 154 -5.75 -9.70 -13.43
C ALA A 154 -6.89 -10.43 -12.73
N VAL A 155 -8.06 -9.79 -12.69
CA VAL A 155 -9.25 -10.35 -12.07
C VAL A 155 -10.43 -10.14 -13.01
N PRO A 156 -11.32 -11.12 -13.17
CA PRO A 156 -12.46 -10.97 -14.10
C PRO A 156 -13.58 -10.13 -13.53
N VAL A 157 -14.20 -9.36 -14.40
CA VAL A 157 -15.47 -8.71 -14.10
C VAL A 157 -16.59 -9.65 -14.54
N LYS A 158 -17.30 -10.21 -13.56
CA LYS A 158 -18.50 -10.97 -13.85
C LYS A 158 -19.66 -10.02 -14.12
N ARG A 159 -20.61 -10.48 -14.91
CA ARG A 159 -21.74 -9.64 -15.28
C ARG A 159 -22.67 -9.45 -14.08
N GLY A 160 -23.24 -8.25 -13.99
CA GLY A 160 -23.99 -7.87 -12.82
C GLY A 160 -23.16 -7.54 -11.61
N ASP A 161 -21.84 -7.35 -11.79
CA ASP A 161 -20.98 -7.00 -10.67
C ASP A 161 -21.34 -5.61 -10.14
N THR A 162 -21.04 -5.39 -8.87
CA THR A 162 -21.10 -4.06 -8.29
C THR A 162 -19.79 -3.81 -7.60
N VAL A 163 -19.62 -2.58 -7.13
CA VAL A 163 -18.42 -2.27 -6.35
C VAL A 163 -18.23 -3.31 -5.26
N ALA A 164 -19.30 -3.71 -4.59
CA ALA A 164 -19.24 -4.67 -3.50
C ALA A 164 -18.63 -5.98 -3.96
N THR A 165 -19.12 -6.52 -5.09
CA THR A 165 -18.67 -7.84 -5.53
C THR A 165 -17.34 -7.79 -6.29
N LEU A 166 -17.18 -6.84 -7.23
CA LEU A 166 -15.91 -6.68 -7.92
C LEU A 166 -14.76 -6.51 -6.92
N SER A 167 -14.96 -5.65 -5.93
CA SER A 167 -13.90 -5.37 -4.98
C SER A 167 -13.66 -6.54 -4.03
N GLU A 168 -14.67 -7.35 -3.73
CA GLU A 168 -14.44 -8.59 -3.00
C GLU A 168 -13.47 -9.48 -3.76
N ARG A 169 -13.67 -9.59 -5.08
CA ARG A 169 -12.85 -10.49 -5.89
C ARG A 169 -11.44 -9.92 -6.07
N VAL A 170 -11.32 -8.62 -6.35
CA VAL A 170 -9.99 -8.03 -6.52
C VAL A 170 -9.17 -8.18 -5.23
N LYS A 171 -9.80 -7.99 -4.08
CA LYS A 171 -9.07 -8.01 -2.82
C LYS A 171 -8.35 -9.32 -2.59
N LEU A 172 -8.92 -10.44 -3.04
CA LEU A 172 -8.21 -11.72 -2.93
C LEU A 172 -6.89 -11.68 -3.70
N ALA A 173 -6.88 -11.03 -4.86
CA ALA A 173 -5.64 -10.88 -5.60
C ALA A 173 -4.70 -9.92 -4.88
N GLU A 174 -5.24 -8.81 -4.36
CA GLU A 174 -4.43 -7.91 -3.56
C GLU A 174 -3.67 -8.66 -2.48
N HIS A 175 -4.37 -9.51 -1.75
CA HIS A 175 -3.78 -10.28 -0.66
C HIS A 175 -2.70 -11.23 -1.12
N LYS A 176 -2.57 -11.47 -2.42
CA LYS A 176 -1.47 -12.26 -2.96
C LYS A 176 -0.31 -11.37 -3.41
N ILE A 177 -0.55 -10.44 -4.33
CA ILE A 177 0.57 -9.71 -4.92
C ILE A 177 1.20 -8.72 -3.94
N PHE A 178 0.45 -8.22 -2.94
CA PHE A 178 1.05 -7.29 -1.99
C PHE A 178 2.09 -7.96 -1.12
N PRO A 179 1.81 -9.08 -0.46
CA PRO A 179 2.88 -9.78 0.26
C PRO A 179 4.03 -10.19 -0.63
N ALA A 180 3.73 -10.66 -1.83
CA ALA A 180 4.77 -11.03 -2.77
C ALA A 180 5.69 -9.86 -3.08
N ALA A 181 5.09 -8.70 -3.39
CA ALA A 181 5.85 -7.50 -3.74
C ALA A 181 6.72 -7.04 -2.59
N LEU A 182 6.14 -6.97 -1.39
CA LEU A 182 6.92 -6.63 -0.22
C LEU A 182 8.14 -7.55 -0.11
N GLN A 183 7.91 -8.85 -0.25
CA GLN A 183 9.02 -9.80 -0.12
C GLN A 183 10.07 -9.56 -1.19
N LEU A 184 9.63 -9.26 -2.42
CA LEU A 184 10.57 -8.93 -3.50
C LEU A 184 11.46 -7.74 -3.15
N VAL A 185 10.89 -6.70 -2.57
CA VAL A 185 11.62 -5.49 -2.23
C VAL A 185 12.43 -5.68 -0.94
N ALA A 186 11.84 -6.30 0.08
CA ALA A 186 12.58 -6.53 1.33
C ALA A 186 13.82 -7.38 1.09
N SER A 187 13.69 -8.40 0.26
CA SER A 187 14.82 -9.27 -0.03
C SER A 187 15.85 -8.62 -0.96
N GLY A 188 15.58 -7.43 -1.47
CA GLY A 188 16.47 -6.87 -2.48
C GLY A 188 16.44 -7.57 -3.82
N THR A 189 15.51 -8.48 -4.03
CA THR A 189 15.35 -9.07 -5.36
C THR A 189 14.94 -8.01 -6.38
N VAL A 190 14.03 -7.13 -6.01
CA VAL A 190 13.59 -6.01 -6.85
C VAL A 190 14.02 -4.71 -6.20
N GLN A 191 14.43 -3.76 -7.04
CA GLN A 191 14.72 -2.42 -6.58
C GLN A 191 14.33 -1.45 -7.68
N LEU A 192 14.52 -0.18 -7.41
CA LEU A 192 14.28 0.88 -8.37
C LEU A 192 15.64 1.21 -9.00
N GLY A 193 15.80 0.87 -10.28
CA GLY A 193 17.07 1.08 -10.93
C GLY A 193 17.46 2.55 -10.97
N GLU A 194 18.78 2.77 -11.09
CA GLU A 194 19.30 4.12 -11.27
C GLU A 194 18.59 4.84 -12.42
N ASN A 195 18.30 4.14 -13.50
CA ASN A 195 17.49 4.65 -14.60
C ASN A 195 16.03 4.82 -14.24
N GLY A 196 15.65 4.54 -12.99
CA GLY A 196 14.32 4.78 -12.49
C GLY A 196 13.26 3.76 -12.90
N LYS A 197 13.64 2.71 -13.61
CA LYS A 197 12.75 1.60 -13.90
C LYS A 197 12.94 0.49 -12.87
N ILE A 198 12.06 -0.50 -12.93
CA ILE A 198 12.17 -1.64 -12.03
C ILE A 198 13.41 -2.46 -12.40
N CYS A 199 14.19 -2.83 -11.39
CA CYS A 199 15.45 -3.53 -11.57
C CYS A 199 15.39 -4.86 -10.82
N TRP A 200 15.55 -5.96 -11.55
CA TRP A 200 15.60 -7.29 -10.96
C TRP A 200 17.04 -7.74 -10.71
N VAL A 201 17.21 -8.55 -9.68
CA VAL A 201 18.54 -8.94 -9.22
C VAL A 201 18.56 -10.39 -8.76
#